data_6MTR
#
_entry.id   6MTR
#
_cell.length_a   163.075
_cell.length_b   54.661
_cell.length_c   66.113
_cell.angle_alpha   90.00
_cell.angle_beta   113.30
_cell.angle_gamma   90.00
#
_symmetry.space_group_name_H-M   'C 1 2 1'
#
loop_
_entity.id
_entity.type
_entity.pdbx_description
1 polymer 'Antibody VRC43.01 Fab heavy chain'
2 polymer 'Antibody VRC43.01 Fab light chain'
3 water water
#
loop_
_entity_poly.entity_id
_entity_poly.type
_entity_poly.pdbx_seq_one_letter_code
_entity_poly.pdbx_strand_id
1 'polypeptide(L)'
;QVQLQESGPGLVKATGTLSLNCAVSGASISSSNWWNWVRQSPGKGLEWIGEIYHSGTVTYNPSLKTRVTISVDKSRNQFS
LKLTSVTAADTAKYYCAKRWDSSGWFSRHSYDYAVDVWGRGTTVIVSSASTKGPSVFPLAPSSKSTSGGTAALGCLVKDY
FPEPVTVSWNSGALTSGVHTFPAVLQSSGLYSLSSVVTVPSSSLGTQTYICNVNHKPSNTKVDKKVEPK
;
H
2 'polypeptide(L)'
;QTVVTQEPSLTVSPGGTVTLTCASSAGAVTSGHCPSWFQQKPGQVPRALIYCTNNRQSWTPARFSGSLRGGKAALTLSGV
QPDDEGDYYCLVQYSGVWVFGGGTKLTVLSQPKAAPSVTLFPPSSEELQANKATLVCLISDFYPGAVTVAWKADSSPVKA
GVETTTPSKQSNNKYAASSYLSLTPEQWKSHRSYSCQVTHEGSTVEKTVAPTECS
;
L
#
# COMPACT_ATOMS: atom_id res chain seq x y z
N VAL A 2 3.67 -17.49 -23.47
CA VAL A 2 4.68 -16.86 -22.62
C VAL A 2 4.14 -16.54 -21.22
N GLN A 3 4.56 -17.31 -20.22
CA GLN A 3 4.12 -17.14 -18.86
C GLN A 3 5.33 -17.04 -17.93
N LEU A 4 5.20 -16.19 -16.93
CA LEU A 4 6.26 -15.99 -15.93
C LEU A 4 5.73 -16.44 -14.57
N GLN A 5 6.58 -17.11 -13.81
CA GLN A 5 6.22 -17.56 -12.45
C GLN A 5 7.40 -17.27 -11.53
N GLU A 6 7.18 -16.41 -10.55
CA GLU A 6 8.22 -16.09 -9.60
C GLU A 6 8.15 -17.06 -8.42
N SER A 7 9.30 -17.26 -7.80
CA SER A 7 9.39 -18.11 -6.61
C SER A 7 10.52 -17.58 -5.75
N GLY A 8 10.55 -18.01 -4.49
CA GLY A 8 11.44 -17.46 -3.50
C GLY A 8 10.80 -17.48 -2.13
N PRO A 9 11.56 -17.13 -1.10
CA PRO A 9 11.25 -17.58 0.26
C PRO A 9 9.95 -17.05 0.87
N GLY A 10 9.76 -15.76 0.93
CA GLY A 10 8.52 -15.28 1.51
C GLY A 10 8.77 -14.52 2.80
N LEU A 11 9.69 -15.04 3.60
CA LEU A 11 10.13 -14.40 4.83
C LEU A 11 11.63 -14.28 4.78
N VAL A 12 12.14 -13.06 4.96
CA VAL A 12 13.58 -12.79 4.96
C VAL A 12 13.89 -12.00 6.22
N LYS A 13 14.93 -12.42 6.94
CA LYS A 13 15.34 -11.67 8.12
C LYS A 13 15.97 -10.34 7.70
N ALA A 14 15.73 -9.32 8.52
CA ALA A 14 16.38 -8.02 8.34
C ALA A 14 17.89 -8.19 8.25
N THR A 15 18.50 -7.35 7.41
CA THR A 15 19.91 -7.29 7.02
C THR A 15 20.35 -8.50 6.18
N GLY A 16 19.45 -9.43 5.89
CA GLY A 16 19.75 -10.56 5.03
C GLY A 16 19.62 -10.22 3.56
N THR A 17 19.61 -11.26 2.75
CA THR A 17 19.48 -11.11 1.32
C THR A 17 18.18 -11.76 0.87
N LEU A 18 17.46 -11.05 0.02
CA LEU A 18 16.27 -11.57 -0.64
C LEU A 18 16.67 -12.07 -2.02
N SER A 19 16.30 -13.31 -2.34
CA SER A 19 16.61 -13.91 -3.63
C SER A 19 15.31 -14.44 -4.21
N LEU A 20 15.01 -14.04 -5.44
CA LEU A 20 13.83 -14.49 -6.13
C LEU A 20 14.25 -15.05 -7.48
N ASN A 21 13.47 -16.00 -7.97
CA ASN A 21 13.68 -16.48 -9.32
C ASN A 21 12.40 -16.29 -10.10
N CYS A 22 12.56 -16.11 -11.40
CA CYS A 22 11.44 -16.09 -12.33
C CYS A 22 11.70 -17.16 -13.37
N ALA A 23 10.79 -18.13 -13.47
CA ALA A 23 10.82 -19.16 -14.49
C ALA A 23 10.05 -18.68 -15.70
N VAL A 24 10.67 -18.79 -16.88
CA VAL A 24 10.07 -18.35 -18.13
C VAL A 24 9.63 -19.57 -18.91
N SER A 25 8.40 -19.54 -19.42
CA SER A 25 7.88 -20.63 -20.23
C SER A 25 7.22 -20.05 -21.47
N GLY A 26 7.36 -20.75 -22.58
CA GLY A 26 6.79 -20.30 -23.83
C GLY A 26 7.68 -19.38 -24.64
N ALA A 27 8.90 -19.12 -24.16
CA ALA A 27 9.86 -18.24 -24.80
C ALA A 27 11.22 -18.54 -24.20
N SER A 28 12.27 -18.49 -25.03
CA SER A 28 13.61 -18.63 -24.51
C SER A 28 14.08 -17.34 -23.86
N ILE A 29 14.89 -17.49 -22.82
CA ILE A 29 15.50 -16.32 -22.24
C ILE A 29 16.47 -15.66 -23.24
N SER A 30 17.06 -16.45 -24.12
CA SER A 30 17.92 -15.94 -25.19
C SER A 30 17.15 -15.16 -26.28
N SER A 31 15.89 -14.77 -26.09
CA SER A 31 15.12 -14.09 -27.12
C SER A 31 15.30 -12.59 -26.98
N SER A 32 14.62 -11.83 -27.85
CA SER A 32 14.76 -10.37 -27.89
C SER A 32 13.78 -9.71 -26.93
N ASN A 33 13.98 -10.01 -25.65
CA ASN A 33 13.15 -9.49 -24.58
C ASN A 33 14.01 -8.94 -23.46
N TRP A 34 13.45 -7.99 -22.70
CA TRP A 34 14.05 -7.49 -21.47
C TRP A 34 13.31 -8.07 -20.28
N TRP A 35 14.04 -8.72 -19.38
CA TRP A 35 13.41 -9.40 -18.25
C TRP A 35 13.45 -8.44 -17.06
N ASN A 36 12.29 -8.08 -16.53
CA ASN A 36 12.15 -6.97 -15.59
C ASN A 36 11.77 -7.46 -14.20
N TRP A 37 12.10 -6.65 -13.20
CA TRP A 37 11.58 -6.81 -11.85
C TRP A 37 10.95 -5.51 -11.40
N VAL A 38 9.80 -5.64 -10.74
CA VAL A 38 9.03 -4.52 -10.20
C VAL A 38 8.53 -4.95 -8.82
N ARG A 39 8.43 -4.00 -7.87
CA ARG A 39 7.78 -4.34 -6.62
C ARG A 39 6.71 -3.34 -6.20
N GLN A 40 5.93 -3.74 -5.19
CA GLN A 40 4.88 -2.88 -4.66
C GLN A 40 4.68 -3.14 -3.17
N SER A 41 4.98 -2.14 -2.36
CA SER A 41 4.70 -2.27 -0.96
C SER A 41 3.19 -2.31 -0.75
N PRO A 42 2.74 -3.08 0.24
CA PRO A 42 1.31 -3.18 0.50
C PRO A 42 0.60 -1.84 0.60
N GLY A 43 -0.30 -1.57 -0.35
CA GLY A 43 -1.06 -0.33 -0.34
C GLY A 43 -0.36 0.88 -0.94
N LYS A 44 0.90 0.76 -1.34
CA LYS A 44 1.62 1.87 -1.95
C LYS A 44 1.72 1.63 -3.45
N GLY A 45 2.58 2.40 -4.13
CA GLY A 45 2.63 2.36 -5.56
C GLY A 45 3.68 1.41 -6.11
N LEU A 46 3.71 1.33 -7.44
CA LEU A 46 4.64 0.46 -8.14
C LEU A 46 6.01 1.10 -8.19
N GLU A 47 7.03 0.29 -7.98
CA GLU A 47 8.41 0.78 -8.02
C GLU A 47 9.19 -0.11 -8.96
N TRP A 48 9.87 0.47 -9.95
CA TRP A 48 10.68 -0.36 -10.84
C TRP A 48 12.00 -0.75 -10.18
N ILE A 49 12.42 -1.99 -10.39
CA ILE A 49 13.70 -2.44 -9.83
C ILE A 49 14.79 -2.48 -10.89
N GLY A 50 14.52 -3.06 -12.05
CA GLY A 50 15.58 -3.12 -13.06
C GLY A 50 15.18 -4.07 -14.17
N GLU A 51 16.06 -4.16 -15.18
CA GLU A 51 15.79 -5.13 -16.22
C GLU A 51 17.11 -5.61 -16.78
N ILE A 52 17.10 -6.76 -17.46
CA ILE A 52 18.30 -7.41 -17.95
C ILE A 52 18.01 -7.99 -19.32
N TYR A 53 19.00 -7.94 -20.19
CA TYR A 53 18.93 -8.57 -21.49
C TYR A 53 19.79 -9.83 -21.45
N HIS A 54 19.51 -10.77 -22.36
CA HIS A 54 20.20 -12.07 -22.26
C HIS A 54 21.71 -11.96 -22.37
N SER A 55 22.20 -10.94 -23.04
CA SER A 55 23.64 -10.71 -23.13
C SER A 55 24.26 -10.29 -21.80
N GLY A 56 23.44 -9.88 -20.82
CA GLY A 56 23.96 -9.35 -19.57
C GLY A 56 23.74 -7.87 -19.35
N THR A 57 23.48 -7.09 -20.40
CA THR A 57 23.23 -5.67 -20.21
C THR A 57 22.14 -5.47 -19.17
N VAL A 58 22.43 -4.70 -18.12
CA VAL A 58 21.45 -4.52 -17.06
C VAL A 58 21.29 -3.03 -16.78
N THR A 59 20.09 -2.64 -16.33
CA THR A 59 19.88 -1.30 -15.81
C THR A 59 19.14 -1.43 -14.48
N TYR A 60 19.50 -0.64 -13.46
CA TYR A 60 18.82 -0.71 -12.18
C TYR A 60 18.17 0.63 -11.86
N ASN A 61 17.11 0.62 -11.06
CA ASN A 61 16.64 1.85 -10.45
C ASN A 61 17.77 2.49 -9.65
N PRO A 62 18.16 3.74 -9.94
CA PRO A 62 19.31 4.33 -9.23
C PRO A 62 19.15 4.36 -7.72
N SER A 63 17.91 4.35 -7.22
CA SER A 63 17.65 4.38 -5.78
C SER A 63 18.06 3.06 -5.09
N LEU A 64 18.25 1.99 -5.85
CA LEU A 64 18.56 0.68 -5.33
C LEU A 64 19.89 0.14 -5.85
N LYS A 65 20.66 0.96 -6.57
CA LYS A 65 21.76 0.48 -7.40
C LYS A 65 22.74 -0.40 -6.62
N THR A 66 23.17 0.06 -5.43
CA THR A 66 24.19 -0.64 -4.67
C THR A 66 23.73 -1.99 -4.12
N ARG A 67 22.43 -2.20 -3.89
CA ARG A 67 21.96 -3.41 -3.23
C ARG A 67 21.44 -4.47 -4.19
N VAL A 68 21.25 -4.15 -5.46
CA VAL A 68 20.48 -4.98 -6.37
C VAL A 68 21.39 -5.67 -7.39
N THR A 69 21.12 -6.95 -7.66
CA THR A 69 21.81 -7.69 -8.73
C THR A 69 20.79 -8.50 -9.49
N ILE A 70 20.67 -8.30 -10.81
CA ILE A 70 19.80 -9.13 -11.62
C ILE A 70 20.70 -10.03 -12.49
N SER A 71 20.29 -11.27 -12.71
CA SER A 71 21.09 -12.23 -13.46
C SER A 71 20.18 -13.09 -14.34
N VAL A 72 20.77 -13.66 -15.41
CA VAL A 72 20.08 -14.61 -16.26
C VAL A 72 20.71 -15.99 -16.12
N ASP A 73 19.85 -17.02 -16.13
CA ASP A 73 20.28 -18.42 -16.13
C ASP A 73 19.71 -19.10 -17.37
N LYS A 74 20.46 -19.05 -18.46
CA LYS A 74 20.04 -19.76 -19.67
C LYS A 74 19.86 -21.25 -19.43
N SER A 75 20.65 -21.84 -18.51
CA SER A 75 20.64 -23.29 -18.32
C SER A 75 19.31 -23.77 -17.80
N ARG A 76 18.59 -22.93 -17.08
CA ARG A 76 17.28 -23.25 -16.53
C ARG A 76 16.17 -22.38 -17.12
N ASN A 77 16.50 -21.53 -18.11
CA ASN A 77 15.56 -20.57 -18.70
C ASN A 77 14.89 -19.71 -17.64
N GLN A 78 15.72 -19.17 -16.74
CA GLN A 78 15.28 -18.33 -15.65
C GLN A 78 16.14 -17.08 -15.57
N PHE A 79 15.58 -16.07 -14.91
CA PHE A 79 16.34 -14.93 -14.46
C PHE A 79 16.05 -14.68 -12.98
N SER A 80 16.91 -13.90 -12.34
CA SER A 80 16.94 -13.84 -10.89
C SER A 80 17.06 -12.41 -10.40
N LEU A 81 16.63 -12.19 -9.16
CA LEU A 81 16.82 -10.95 -8.44
C LEU A 81 17.49 -11.22 -7.12
N LYS A 82 18.54 -10.47 -6.80
CA LYS A 82 19.18 -10.54 -5.49
C LYS A 82 19.18 -9.15 -4.88
N LEU A 83 18.73 -9.02 -3.64
CA LEU A 83 18.68 -7.74 -2.94
C LEU A 83 19.32 -7.92 -1.56
N THR A 84 20.43 -7.23 -1.30
CA THR A 84 21.17 -7.39 -0.06
C THR A 84 20.76 -6.33 0.97
N SER A 85 21.16 -6.56 2.21
CA SER A 85 20.95 -5.64 3.34
C SER A 85 19.49 -5.25 3.49
N VAL A 86 18.61 -6.23 3.31
CA VAL A 86 17.18 -5.94 3.25
C VAL A 86 16.68 -5.45 4.61
N THR A 87 15.76 -4.50 4.59
CA THR A 87 15.10 -3.97 5.78
C THR A 87 13.59 -4.13 5.63
N ALA A 88 12.85 -3.74 6.68
CA ALA A 88 11.39 -3.81 6.57
C ALA A 88 10.86 -3.03 5.36
N ALA A 89 11.54 -1.94 4.98
CA ALA A 89 11.15 -1.16 3.80
C ALA A 89 11.09 -1.97 2.51
N ASP A 90 11.64 -3.18 2.48
CA ASP A 90 11.65 -4.01 1.29
C ASP A 90 10.56 -5.07 1.30
N THR A 91 9.70 -5.06 2.33
CA THR A 91 8.49 -5.87 2.29
C THR A 91 7.61 -5.38 1.17
N ALA A 92 7.32 -6.27 0.23
CA ALA A 92 6.53 -5.87 -0.94
C ALA A 92 6.07 -7.12 -1.64
N LYS A 93 5.10 -6.96 -2.55
CA LYS A 93 4.91 -7.94 -3.59
C LYS A 93 5.92 -7.70 -4.70
N TYR A 94 6.65 -8.73 -5.10
CA TYR A 94 7.63 -8.63 -6.18
C TYR A 94 7.09 -9.31 -7.42
N TYR A 95 7.15 -8.60 -8.56
CA TYR A 95 6.64 -9.07 -9.83
C TYR A 95 7.78 -9.24 -10.81
N CYS A 96 7.80 -10.32 -11.57
CA CYS A 96 8.63 -10.29 -12.76
C CYS A 96 7.75 -9.92 -13.95
N ALA A 97 8.40 -9.52 -15.04
CA ALA A 97 7.69 -8.95 -16.16
C ALA A 97 8.64 -9.04 -17.35
N LYS A 98 8.11 -8.82 -18.54
CA LYS A 98 8.84 -9.02 -19.80
C LYS A 98 8.49 -7.84 -20.68
N ARG A 99 9.48 -7.24 -21.34
CA ARG A 99 9.13 -6.34 -22.43
C ARG A 99 9.94 -6.68 -23.65
N TRP A 100 9.29 -6.56 -24.81
CA TRP A 100 9.93 -6.83 -26.09
C TRP A 100 10.94 -5.74 -26.47
N ASP A 101 12.00 -6.16 -27.14
CA ASP A 101 13.02 -5.27 -27.66
C ASP A 101 12.91 -5.35 -29.17
N SER A 102 12.44 -4.28 -29.79
CA SER A 102 12.35 -4.22 -31.24
C SER A 102 13.69 -3.74 -31.78
N SER A 103 14.36 -4.59 -32.55
CA SER A 103 15.63 -4.25 -33.19
C SER A 103 15.50 -4.63 -34.67
N GLY A 104 15.15 -3.65 -35.52
CA GLY A 104 15.26 -3.87 -36.95
C GLY A 104 16.70 -4.09 -37.37
N TRP A 105 17.65 -3.56 -36.60
CA TRP A 105 19.06 -3.75 -36.85
C TRP A 105 19.55 -5.05 -36.20
N PHE A 106 20.73 -5.49 -36.62
CA PHE A 106 21.32 -6.71 -36.08
C PHE A 106 21.55 -6.61 -34.57
N SER A 107 21.90 -5.41 -34.08
CA SER A 107 22.25 -5.19 -32.68
C SER A 107 21.86 -3.75 -32.31
N ARG A 108 20.59 -3.56 -32.04
CA ARG A 108 20.05 -2.27 -31.64
C ARG A 108 19.17 -2.52 -30.44
N HIS A 109 19.19 -1.61 -29.46
CA HIS A 109 18.25 -1.66 -28.35
C HIS A 109 17.32 -0.46 -28.44
N SER A 110 16.03 -0.73 -28.37
CA SER A 110 14.99 0.28 -28.47
C SER A 110 14.10 0.22 -27.24
N TYR A 111 13.28 1.26 -27.09
CA TYR A 111 12.28 1.40 -26.04
C TYR A 111 10.96 1.73 -26.70
N ASP A 112 10.57 0.87 -27.65
CA ASP A 112 9.37 0.99 -28.47
C ASP A 112 8.20 0.13 -27.96
N TYR A 113 8.41 -0.59 -26.87
CA TYR A 113 7.40 -1.40 -26.20
C TYR A 113 7.63 -1.29 -24.69
N ALA A 114 6.56 -1.41 -23.92
CA ALA A 114 6.64 -1.40 -22.46
C ALA A 114 6.39 -2.81 -21.93
N VAL A 115 6.64 -3.02 -20.62
CA VAL A 115 6.35 -4.34 -20.05
C VAL A 115 4.90 -4.73 -20.36
N ASP A 116 4.70 -5.89 -21.02
CA ASP A 116 3.36 -6.31 -21.42
C ASP A 116 2.92 -7.67 -20.87
N VAL A 117 3.78 -8.38 -20.16
CA VAL A 117 3.43 -9.66 -19.58
C VAL A 117 4.00 -9.66 -18.18
N TRP A 118 3.19 -10.05 -17.19
CA TRP A 118 3.58 -10.04 -15.79
C TRP A 118 3.41 -11.44 -15.20
N GLY A 119 4.19 -11.73 -14.17
CA GLY A 119 3.91 -12.90 -13.37
C GLY A 119 2.83 -12.58 -12.36
N ARG A 120 2.36 -13.62 -11.67
CA ARG A 120 1.33 -13.43 -10.65
C ARG A 120 1.87 -12.64 -9.45
N GLY A 121 3.17 -12.66 -9.25
CA GLY A 121 3.81 -11.96 -8.14
C GLY A 121 3.97 -12.85 -6.93
N THR A 122 4.98 -12.54 -6.12
CA THR A 122 5.19 -13.27 -4.86
C THR A 122 5.39 -12.25 -3.73
N THR A 123 4.82 -12.55 -2.57
CA THR A 123 4.90 -11.62 -1.47
C THR A 123 6.12 -11.94 -0.60
N VAL A 124 6.93 -10.92 -0.29
CA VAL A 124 8.10 -11.09 0.57
C VAL A 124 7.93 -10.18 1.74
N ILE A 125 8.03 -10.76 2.93
CA ILE A 125 7.99 -10.01 4.17
C ILE A 125 9.39 -10.05 4.76
N VAL A 126 9.90 -8.87 5.09
CA VAL A 126 11.18 -8.74 5.77
C VAL A 126 10.90 -8.37 7.22
N SER A 127 11.30 -9.26 8.14
CA SER A 127 11.14 -9.01 9.55
C SER A 127 12.21 -9.79 10.31
N SER A 128 12.58 -9.25 11.47
CA SER A 128 13.49 -9.95 12.36
C SER A 128 12.78 -10.86 13.36
N ALA A 129 11.50 -10.61 13.62
CA ALA A 129 10.75 -11.40 14.59
C ALA A 129 10.44 -12.80 14.06
N SER A 130 10.62 -13.81 14.91
CA SER A 130 10.11 -15.13 14.54
C SER A 130 8.59 -15.16 14.62
N THR A 131 8.07 -15.30 15.84
CA THR A 131 6.64 -15.34 16.14
C THR A 131 6.46 -14.57 17.43
N LYS A 132 5.75 -13.47 17.38
CA LYS A 132 5.66 -12.59 18.54
C LYS A 132 4.19 -12.38 18.87
N GLY A 133 3.83 -12.62 20.12
CA GLY A 133 2.49 -12.38 20.57
C GLY A 133 2.29 -10.90 20.86
N PRO A 134 1.06 -10.44 20.74
CA PRO A 134 0.76 -9.03 20.97
C PRO A 134 0.58 -8.70 22.45
N SER A 135 0.87 -7.44 22.76
CA SER A 135 0.42 -6.77 23.97
C SER A 135 -0.99 -6.24 23.69
N VAL A 136 -1.83 -6.25 24.71
CA VAL A 136 -3.21 -5.83 24.49
C VAL A 136 -3.50 -4.76 25.52
N PHE A 137 -3.96 -3.58 25.06
CA PHE A 137 -4.24 -2.47 25.99
C PHE A 137 -5.68 -2.01 25.79
N PRO A 138 -6.36 -1.64 26.87
CA PRO A 138 -7.76 -1.18 26.74
C PRO A 138 -7.78 0.28 26.28
N LEU A 139 -8.73 0.62 25.44
CA LEU A 139 -8.94 1.99 24.99
C LEU A 139 -10.24 2.46 25.66
N ALA A 140 -10.11 3.20 26.75
CA ALA A 140 -11.25 3.47 27.62
C ALA A 140 -12.21 4.47 26.97
N PRO A 141 -13.51 4.36 27.25
CA PRO A 141 -14.44 5.39 26.81
C PRO A 141 -14.33 6.60 27.72
N SER A 142 -14.67 7.75 27.14
CA SER A 142 -14.56 9.01 27.86
C SER A 142 -15.52 10.02 27.27
N THR A 150 -24.27 7.54 22.87
CA THR A 150 -23.40 6.38 22.85
C THR A 150 -21.93 6.70 23.15
N ALA A 151 -21.13 5.63 23.24
CA ALA A 151 -19.74 5.78 23.59
C ALA A 151 -18.92 4.75 22.83
N ALA A 152 -17.68 5.11 22.54
CA ALA A 152 -16.78 4.22 21.83
C ALA A 152 -15.67 3.80 22.79
N LEU A 153 -15.38 2.51 22.80
CA LEU A 153 -14.28 2.01 23.60
C LEU A 153 -13.64 0.90 22.79
N GLY A 154 -12.41 0.55 23.09
CA GLY A 154 -11.88 -0.51 22.28
C GLY A 154 -10.68 -1.16 22.91
N CYS A 155 -9.93 -1.89 22.07
CA CYS A 155 -8.68 -2.50 22.50
C CYS A 155 -7.64 -2.35 21.41
N LEU A 156 -6.41 -2.06 21.82
CA LEU A 156 -5.27 -1.90 20.92
C LEU A 156 -4.47 -3.19 21.01
N VAL A 157 -4.23 -3.83 19.89
CA VAL A 157 -3.42 -5.05 19.87
C VAL A 157 -2.08 -4.68 19.23
N LYS A 158 -1.01 -4.63 20.01
CA LYS A 158 0.22 -3.99 19.56
C LYS A 158 1.36 -5.00 19.36
N ASP A 159 2.10 -4.85 18.23
CA ASP A 159 3.39 -5.48 17.93
C ASP A 159 3.33 -7.02 17.98
N TYR A 160 2.64 -7.59 16.99
CA TYR A 160 2.61 -9.05 16.88
C TYR A 160 3.13 -9.47 15.51
N PHE A 161 3.36 -10.75 15.38
CA PHE A 161 3.82 -11.27 14.11
C PHE A 161 3.76 -12.77 14.19
N PRO A 162 3.44 -13.47 13.11
CA PRO A 162 2.89 -12.95 11.86
C PRO A 162 1.40 -12.64 11.96
N GLU A 163 0.86 -12.37 10.79
CA GLU A 163 -0.33 -11.53 10.64
C GLU A 163 -1.56 -11.99 11.40
N PRO A 164 -2.01 -13.24 11.31
CA PRO A 164 -3.41 -13.49 11.69
C PRO A 164 -3.76 -13.18 13.15
N VAL A 165 -4.44 -12.07 13.48
CA VAL A 165 -5.05 -11.89 14.80
C VAL A 165 -6.57 -11.77 14.66
N THR A 166 -7.34 -12.37 15.60
CA THR A 166 -8.77 -12.11 15.66
C THR A 166 -9.20 -11.61 17.03
N VAL A 167 -10.25 -10.80 17.04
CA VAL A 167 -10.76 -10.16 18.24
C VAL A 167 -12.25 -10.44 18.33
N SER A 168 -12.70 -10.75 19.52
CA SER A 168 -14.12 -10.75 19.81
C SER A 168 -14.34 -9.93 21.07
N TRP A 169 -15.61 -9.78 21.41
CA TRP A 169 -16.00 -8.91 22.52
C TRP A 169 -17.03 -9.67 23.34
N ASN A 170 -16.77 -9.78 24.64
CA ASN A 170 -17.60 -10.56 25.55
C ASN A 170 -17.78 -11.98 25.05
N SER A 171 -16.68 -12.53 24.54
CA SER A 171 -16.61 -13.88 24.01
C SER A 171 -17.51 -14.08 22.78
N GLY A 172 -17.82 -13.02 22.06
CA GLY A 172 -18.72 -13.14 20.94
C GLY A 172 -20.15 -12.86 21.33
N ALA A 173 -20.43 -12.67 22.61
CA ALA A 173 -21.81 -12.36 22.97
C ALA A 173 -22.22 -11.00 22.41
N LEU A 174 -21.24 -10.14 22.20
CA LEU A 174 -21.49 -8.81 21.67
C LEU A 174 -21.26 -8.90 20.17
N THR A 175 -22.34 -8.83 19.39
CA THR A 175 -22.21 -9.01 17.96
C THR A 175 -22.56 -7.77 17.15
N SER A 176 -22.98 -6.70 17.80
CA SER A 176 -23.45 -5.53 17.10
C SER A 176 -22.57 -4.36 17.49
N GLY A 177 -22.32 -3.49 16.52
CA GLY A 177 -21.52 -2.32 16.81
C GLY A 177 -20.05 -2.56 16.98
N VAL A 178 -19.53 -3.69 16.47
CA VAL A 178 -18.10 -4.00 16.58
C VAL A 178 -17.39 -3.65 15.28
N HIS A 179 -16.28 -2.94 15.38
CA HIS A 179 -15.50 -2.60 14.19
C HIS A 179 -14.04 -2.89 14.48
N THR A 180 -13.51 -3.94 13.85
CA THR A 180 -12.10 -4.28 13.96
C THR A 180 -11.36 -3.83 12.71
N PHE A 181 -10.35 -3.02 12.88
CA PHE A 181 -9.63 -2.38 11.79
C PHE A 181 -8.52 -3.27 11.25
N PRO A 182 -8.27 -3.25 9.95
CA PRO A 182 -7.10 -3.98 9.43
C PRO A 182 -5.82 -3.47 10.09
N ALA A 183 -4.83 -4.35 10.15
CA ALA A 183 -3.59 -4.04 10.85
C ALA A 183 -2.69 -3.13 10.03
N VAL A 184 -1.87 -2.36 10.71
CA VAL A 184 -0.76 -1.69 10.08
C VAL A 184 0.48 -2.55 10.23
N LEU A 185 1.29 -2.62 9.19
CA LEU A 185 2.63 -3.18 9.34
C LEU A 185 3.59 -2.03 9.66
N GLN A 186 4.23 -2.08 10.83
CA GLN A 186 5.05 -0.98 11.29
C GLN A 186 6.42 -1.02 10.62
N SER A 187 7.21 0.03 10.79
CA SER A 187 8.56 -0.02 10.25
C SER A 187 9.44 -1.00 11.01
N SER A 188 9.04 -1.40 12.21
CA SER A 188 9.75 -2.44 12.96
C SER A 188 9.50 -3.85 12.44
N GLY A 189 8.65 -4.02 11.41
CA GLY A 189 8.31 -5.34 10.92
C GLY A 189 7.34 -6.10 11.82
N LEU A 190 6.56 -5.40 12.64
CA LEU A 190 5.50 -5.99 13.44
C LEU A 190 4.20 -5.30 13.09
N TYR A 191 3.10 -6.01 13.34
CA TYR A 191 1.77 -5.50 13.09
C TYR A 191 1.18 -4.94 14.36
N SER A 192 0.24 -4.01 14.20
CA SER A 192 -0.66 -3.64 15.28
C SER A 192 -2.04 -3.49 14.70
N LEU A 193 -3.06 -3.67 15.52
CA LEU A 193 -4.41 -3.35 15.06
C LEU A 193 -5.27 -2.88 16.24
N SER A 194 -6.45 -2.36 15.91
CA SER A 194 -7.40 -1.98 16.96
C SER A 194 -8.80 -2.47 16.66
N SER A 195 -9.54 -2.67 17.73
CA SER A 195 -10.96 -3.02 17.58
C SER A 195 -11.78 -2.06 18.42
N VAL A 196 -12.91 -1.60 17.91
CA VAL A 196 -13.68 -0.62 18.66
C VAL A 196 -15.13 -1.09 18.72
N VAL A 197 -15.80 -0.85 19.84
CA VAL A 197 -17.24 -1.13 19.87
C VAL A 197 -17.98 0.12 20.32
N THR A 198 -19.16 0.36 19.74
CA THR A 198 -20.01 1.46 20.15
C THR A 198 -21.16 0.91 20.98
N VAL A 199 -21.37 1.51 22.16
CA VAL A 199 -22.34 1.00 23.13
C VAL A 199 -23.08 2.18 23.73
N PRO A 200 -24.23 1.94 24.36
CA PRO A 200 -24.92 3.04 25.06
C PRO A 200 -24.10 3.57 26.21
N SER A 201 -24.12 4.89 26.37
CA SER A 201 -23.37 5.52 27.45
C SER A 201 -23.95 5.19 28.82
N SER A 202 -25.27 4.98 28.90
CA SER A 202 -25.92 4.64 30.16
C SER A 202 -25.62 3.22 30.62
N SER A 203 -25.00 2.41 29.76
CA SER A 203 -24.65 1.04 30.08
C SER A 203 -23.26 0.91 30.69
N LEU A 204 -22.39 1.90 30.48
CA LEU A 204 -21.02 1.83 30.97
C LEU A 204 -20.93 1.63 32.47
N GLY A 205 -21.97 1.97 33.21
CA GLY A 205 -21.94 1.78 34.65
C GLY A 205 -22.29 0.38 35.12
N THR A 206 -23.01 -0.40 34.32
CA THR A 206 -23.47 -1.71 34.76
C THR A 206 -23.05 -2.87 33.87
N GLN A 207 -22.64 -2.63 32.64
CA GLN A 207 -22.27 -3.71 31.75
C GLN A 207 -20.75 -3.77 31.59
N THR A 208 -20.24 -5.01 31.57
CA THR A 208 -18.82 -5.27 31.43
C THR A 208 -18.51 -5.55 29.97
N TYR A 209 -17.41 -4.98 29.49
CA TYR A 209 -16.90 -5.15 28.15
C TYR A 209 -15.47 -5.71 28.23
N ILE A 210 -15.24 -6.84 27.59
CA ILE A 210 -13.96 -7.54 27.62
C ILE A 210 -13.58 -7.87 26.20
N CYS A 211 -12.39 -7.48 25.76
CA CYS A 211 -12.04 -7.87 24.38
C CYS A 211 -11.18 -9.10 24.45
N ASN A 212 -11.49 -10.11 23.62
CA ASN A 212 -10.74 -11.36 23.62
C ASN A 212 -9.89 -11.36 22.37
N VAL A 213 -8.60 -11.59 22.53
CA VAL A 213 -7.64 -11.44 21.44
C VAL A 213 -6.98 -12.79 21.21
N ASN A 214 -7.08 -13.31 20.00
CA ASN A 214 -6.49 -14.60 19.69
C ASN A 214 -5.43 -14.39 18.64
N HIS A 215 -4.21 -14.87 18.90
CA HIS A 215 -3.14 -14.77 17.92
C HIS A 215 -2.85 -16.21 17.51
N LYS A 216 -3.46 -16.63 16.41
CA LYS A 216 -3.37 -18.05 16.03
C LYS A 216 -1.93 -18.55 15.96
N PRO A 217 -0.98 -17.85 15.30
CA PRO A 217 0.35 -18.46 15.11
C PRO A 217 1.06 -18.78 16.41
N SER A 218 0.87 -17.98 17.45
CA SER A 218 1.54 -18.21 18.72
C SER A 218 0.61 -18.83 19.74
N ASN A 219 -0.62 -19.17 19.35
CA ASN A 219 -1.63 -19.69 20.26
C ASN A 219 -1.83 -18.81 21.49
N THR A 220 -1.45 -17.54 21.43
CA THR A 220 -1.74 -16.59 22.49
C THR A 220 -3.23 -16.30 22.54
N LYS A 221 -3.74 -16.05 23.74
CA LYS A 221 -5.15 -15.70 23.91
C LYS A 221 -5.22 -14.78 25.12
N VAL A 222 -5.73 -13.58 24.96
CA VAL A 222 -5.72 -12.58 26.02
C VAL A 222 -7.12 -12.01 26.15
N ASP A 223 -7.58 -11.85 27.38
CA ASP A 223 -8.84 -11.18 27.65
C ASP A 223 -8.56 -9.88 28.42
N LYS A 224 -9.08 -8.76 27.91
CA LYS A 224 -8.84 -7.46 28.54
C LYS A 224 -10.16 -6.78 28.85
N LYS A 225 -10.41 -6.54 30.13
CA LYS A 225 -11.57 -5.75 30.50
C LYS A 225 -11.33 -4.27 30.17
N VAL A 226 -12.34 -3.63 29.59
CA VAL A 226 -12.27 -2.22 29.23
C VAL A 226 -13.26 -1.48 30.10
N GLU A 227 -12.76 -0.68 30.97
CA GLU A 227 -13.55 -0.02 31.97
C GLU A 227 -13.53 1.50 31.73
N PRO A 228 -14.59 2.20 32.09
CA PRO A 228 -14.61 3.67 31.91
C PRO A 228 -13.62 4.43 32.76
N LYS A 229 -12.34 4.61 32.36
CA LYS A 229 -11.29 5.34 33.20
C LYS A 229 -11.51 6.85 33.19
N THR B 2 14.39 12.83 -11.06
CA THR B 2 13.32 12.80 -12.07
C THR B 2 12.05 12.14 -11.53
N VAL B 3 11.09 12.93 -11.07
CA VAL B 3 9.86 12.41 -10.46
C VAL B 3 8.73 12.58 -11.44
N VAL B 4 7.85 11.57 -11.45
CA VAL B 4 6.68 11.51 -12.30
C VAL B 4 5.46 11.75 -11.44
N THR B 5 4.70 12.79 -11.77
CA THR B 5 3.56 13.24 -10.98
C THR B 5 2.23 12.89 -11.65
N GLN B 6 1.33 12.27 -10.90
CA GLN B 6 -0.02 11.98 -11.31
C GLN B 6 -1.00 12.49 -10.26
N GLU B 7 -2.26 12.72 -10.68
CA GLU B 7 -3.26 13.08 -9.70
C GLU B 7 -3.37 11.96 -8.66
N PRO B 8 -3.51 12.29 -7.38
CA PRO B 8 -3.65 11.21 -6.36
C PRO B 8 -4.97 10.43 -6.46
N SER B 9 -6.05 11.11 -6.79
CA SER B 9 -7.34 10.41 -6.77
C SER B 9 -8.35 11.18 -7.61
N LEU B 10 -9.14 10.47 -8.40
CA LEU B 10 -10.18 11.10 -9.21
C LEU B 10 -11.50 10.35 -9.03
N THR B 11 -12.58 11.03 -9.28
CA THR B 11 -13.88 10.37 -9.23
C THR B 11 -14.58 10.65 -10.56
N VAL B 12 -15.56 9.82 -10.88
CA VAL B 12 -16.31 9.92 -12.15
C VAL B 12 -17.55 9.03 -12.00
N SER B 13 -18.61 9.36 -12.71
CA SER B 13 -19.83 8.55 -12.66
C SER B 13 -19.84 7.53 -13.80
N PRO B 14 -20.58 6.43 -13.62
CA PRO B 14 -20.84 5.53 -14.76
C PRO B 14 -21.24 6.25 -16.02
N GLY B 15 -20.64 5.85 -17.13
CA GLY B 15 -20.92 6.53 -18.37
C GLY B 15 -20.20 7.87 -18.55
N GLY B 16 -19.52 8.34 -17.51
CA GLY B 16 -18.73 9.57 -17.56
C GLY B 16 -17.46 9.41 -18.34
N THR B 17 -16.64 10.48 -18.36
CA THR B 17 -15.33 10.41 -18.97
C THR B 17 -14.37 11.09 -18.02
N VAL B 18 -13.16 10.61 -18.03
CA VAL B 18 -12.16 11.19 -17.13
C VAL B 18 -10.81 11.10 -17.85
N THR B 19 -9.94 12.08 -17.58
CA THR B 19 -8.58 12.10 -18.14
C THR B 19 -7.58 12.07 -16.98
N LEU B 20 -6.65 11.12 -17.02
CA LEU B 20 -5.51 11.09 -16.10
C LEU B 20 -4.32 11.70 -16.82
N THR B 21 -3.49 12.46 -16.09
CA THR B 21 -2.26 12.99 -16.67
C THR B 21 -1.04 12.53 -15.87
N CYS B 22 0.10 12.81 -16.47
CA CYS B 22 1.35 12.24 -16.02
C CYS B 22 2.39 13.27 -16.40
N ALA B 23 3.06 13.89 -15.42
CA ALA B 23 4.03 14.94 -15.72
C ALA B 23 5.40 14.57 -15.19
N SER B 24 6.43 15.09 -15.83
CA SER B 24 7.79 14.77 -15.44
C SER B 24 8.48 16.00 -14.84
N SER B 25 9.31 15.78 -13.81
CA SER B 25 10.03 16.90 -13.20
C SER B 25 11.19 17.37 -14.06
N ALA B 26 11.56 16.59 -15.08
CA ALA B 26 12.69 16.94 -15.93
C ALA B 26 12.30 17.79 -17.13
N GLY B 27 11.02 17.88 -17.46
CA GLY B 27 10.59 18.69 -18.58
C GLY B 27 9.46 18.03 -19.29
N ALA B 28 9.20 18.46 -20.53
CA ALA B 28 8.05 17.93 -21.26
C ALA B 28 8.18 16.44 -21.52
N VAL B 29 7.05 15.72 -21.46
CA VAL B 29 7.03 14.31 -21.83
C VAL B 29 6.86 14.22 -23.35
N THR B 30 7.80 13.56 -24.01
CA THR B 30 7.79 13.39 -25.45
C THR B 30 7.66 11.90 -25.79
N SER B 31 7.40 11.65 -27.09
CA SER B 31 7.19 10.28 -27.57
C SER B 31 8.39 9.40 -27.25
N GLY B 32 9.59 9.97 -27.26
CA GLY B 32 10.78 9.23 -26.95
C GLY B 32 10.84 8.66 -25.54
N HIS B 33 10.10 9.23 -24.58
CA HIS B 33 10.04 8.71 -23.21
C HIS B 33 9.17 7.46 -23.07
N CYS B 34 8.62 6.95 -24.18
CA CYS B 34 7.70 5.83 -24.21
C CYS B 34 6.66 5.86 -23.05
N PRO B 35 5.94 6.94 -22.89
CA PRO B 35 4.94 6.96 -21.79
C PRO B 35 3.86 5.88 -21.98
N SER B 36 3.63 5.11 -20.92
CA SER B 36 2.72 3.97 -20.96
C SER B 36 1.86 3.98 -19.71
N TRP B 37 0.76 3.25 -19.80
CA TRP B 37 -0.29 3.33 -18.79
C TRP B 37 -0.65 1.93 -18.32
N PHE B 38 -0.78 1.76 -17.02
CA PHE B 38 -1.05 0.45 -16.44
C PHE B 38 -2.25 0.56 -15.50
N GLN B 39 -3.13 -0.42 -15.61
CA GLN B 39 -4.29 -0.49 -14.75
C GLN B 39 -4.12 -1.56 -13.68
N GLN B 40 -4.42 -1.23 -12.44
CA GLN B 40 -4.35 -2.23 -11.41
C GLN B 40 -5.66 -2.25 -10.65
N LYS B 41 -6.48 -3.27 -10.91
CA LYS B 41 -7.74 -3.39 -10.20
C LYS B 41 -7.43 -3.93 -8.80
N PRO B 42 -8.30 -3.70 -7.84
CA PRO B 42 -8.02 -4.18 -6.46
C PRO B 42 -7.67 -5.66 -6.40
N GLY B 43 -6.50 -5.99 -5.90
CA GLY B 43 -6.11 -7.38 -5.74
C GLY B 43 -5.40 -8.00 -6.92
N GLN B 44 -5.29 -7.30 -8.03
CA GLN B 44 -4.76 -7.89 -9.24
C GLN B 44 -3.36 -7.37 -9.52
N VAL B 45 -2.68 -8.06 -10.43
CA VAL B 45 -1.42 -7.68 -11.08
C VAL B 45 -1.67 -6.43 -11.93
N PRO B 46 -0.69 -5.55 -12.15
CA PRO B 46 -0.90 -4.45 -13.08
C PRO B 46 -1.02 -4.99 -14.49
N ARG B 47 -1.71 -4.23 -15.30
CA ARG B 47 -2.06 -4.64 -16.65
C ARG B 47 -1.77 -3.47 -17.56
N ALA B 48 -0.88 -3.67 -18.54
CA ALA B 48 -0.58 -2.61 -19.48
C ALA B 48 -1.81 -2.33 -20.31
N LEU B 49 -2.22 -1.08 -20.35
CA LEU B 49 -3.33 -0.73 -21.25
C LEU B 49 -2.85 -0.03 -22.52
N ILE B 50 -1.99 0.96 -22.38
CA ILE B 50 -1.53 1.80 -23.50
C ILE B 50 -0.02 1.93 -23.36
N TYR B 51 0.71 1.73 -24.44
CA TYR B 51 2.16 1.91 -24.42
C TYR B 51 2.56 2.88 -25.52
N CYS B 52 3.72 3.53 -25.32
CA CYS B 52 4.31 4.37 -26.36
C CYS B 52 3.35 5.48 -26.78
N THR B 53 2.77 6.15 -25.78
CA THR B 53 1.82 7.26 -25.88
C THR B 53 0.39 6.81 -26.21
N ASN B 54 0.21 6.04 -27.29
CA ASN B 54 -1.15 5.81 -27.77
C ASN B 54 -1.36 4.43 -28.40
N ASN B 55 -0.50 3.45 -28.15
CA ASN B 55 -0.70 2.13 -28.74
C ASN B 55 -1.45 1.25 -27.76
N ARG B 56 -2.56 0.65 -28.23
CA ARG B 56 -3.27 -0.28 -27.37
C ARG B 56 -2.68 -1.68 -27.45
N GLN B 57 -2.78 -2.41 -26.32
CA GLN B 57 -2.70 -3.87 -26.33
C GLN B 57 -3.97 -4.48 -26.89
N SER B 58 -3.87 -5.75 -27.31
CA SER B 58 -5.06 -6.37 -27.88
C SER B 58 -6.18 -6.55 -26.85
N TRP B 59 -5.87 -6.58 -25.55
CA TRP B 59 -6.91 -6.73 -24.56
C TRP B 59 -7.43 -5.40 -24.05
N THR B 60 -6.95 -4.28 -24.58
CA THR B 60 -7.39 -2.99 -24.06
C THR B 60 -8.75 -2.60 -24.65
N PRO B 61 -9.75 -2.33 -23.81
CA PRO B 61 -11.05 -1.83 -24.29
C PRO B 61 -10.94 -0.53 -25.09
N ALA B 62 -11.79 -0.41 -26.11
CA ALA B 62 -11.70 0.75 -26.99
C ALA B 62 -12.03 2.05 -26.27
N ARG B 63 -12.55 1.97 -25.04
CA ARG B 63 -12.87 3.11 -24.19
C ARG B 63 -11.65 3.87 -23.72
N PHE B 64 -10.44 3.29 -23.84
CA PHE B 64 -9.21 3.82 -23.29
C PHE B 64 -8.39 4.42 -24.43
N SER B 65 -7.87 5.63 -24.24
CA SER B 65 -7.08 6.24 -25.30
C SER B 65 -5.99 7.11 -24.69
N GLY B 66 -4.85 7.16 -25.38
CA GLY B 66 -3.69 7.89 -24.88
C GLY B 66 -3.30 9.03 -25.80
N SER B 67 -2.64 10.03 -25.22
CA SER B 67 -2.22 11.21 -25.98
C SER B 67 -1.08 11.88 -25.24
N LEU B 68 -0.49 12.87 -25.89
CA LEU B 68 0.41 13.84 -25.29
C LEU B 68 -0.26 15.21 -25.31
N ARG B 69 -0.45 15.81 -24.14
CA ARG B 69 -1.08 17.12 -24.03
C ARG B 69 -0.20 18.04 -23.18
N GLY B 70 0.18 19.18 -23.75
CA GLY B 70 0.92 20.21 -23.02
C GLY B 70 2.14 19.76 -22.22
N GLY B 71 3.00 18.96 -22.83
CA GLY B 71 4.15 18.42 -22.13
C GLY B 71 3.80 17.34 -21.13
N LYS B 72 2.56 16.84 -21.14
CA LYS B 72 2.15 15.76 -20.25
C LYS B 72 1.54 14.64 -21.08
N ALA B 73 1.68 13.42 -20.58
CA ALA B 73 1.00 12.26 -21.13
C ALA B 73 -0.40 12.19 -20.54
N ALA B 74 -1.37 11.77 -21.35
CA ALA B 74 -2.75 11.76 -20.89
C ALA B 74 -3.41 10.45 -21.29
N LEU B 75 -4.25 9.93 -20.38
CA LEU B 75 -5.02 8.70 -20.58
C LEU B 75 -6.48 9.09 -20.41
N THR B 76 -7.28 9.00 -21.47
CA THR B 76 -8.68 9.32 -21.31
C THR B 76 -9.49 8.03 -21.29
N LEU B 77 -10.42 7.94 -20.33
CA LEU B 77 -11.43 6.89 -20.25
C LEU B 77 -12.80 7.47 -20.61
N SER B 78 -13.45 6.96 -21.65
CA SER B 78 -14.78 7.43 -21.99
C SER B 78 -15.80 6.33 -21.71
N GLY B 79 -17.05 6.72 -21.47
CA GLY B 79 -18.07 5.75 -21.12
C GLY B 79 -17.61 4.83 -20.01
N VAL B 80 -17.23 5.43 -18.88
CA VAL B 80 -16.69 4.66 -17.73
C VAL B 80 -17.68 3.60 -17.29
N GLN B 81 -17.19 2.41 -17.05
CA GLN B 81 -18.01 1.30 -16.51
C GLN B 81 -17.52 0.95 -15.08
N PRO B 82 -18.44 0.46 -14.20
CA PRO B 82 -18.07 0.25 -12.78
C PRO B 82 -16.79 -0.53 -12.61
N ASP B 83 -16.58 -1.54 -13.45
CA ASP B 83 -15.41 -2.39 -13.34
C ASP B 83 -14.10 -1.66 -13.69
N ASP B 84 -14.14 -0.42 -14.19
CA ASP B 84 -12.89 0.30 -14.46
C ASP B 84 -12.26 0.90 -13.19
N GLU B 85 -12.95 0.81 -12.07
CA GLU B 85 -12.40 1.32 -10.82
C GLU B 85 -11.09 0.64 -10.50
N GLY B 86 -10.13 1.41 -10.01
CA GLY B 86 -8.83 0.86 -9.71
C GLY B 86 -7.77 1.95 -9.73
N ASP B 87 -6.54 1.51 -9.64
CA ASP B 87 -5.40 2.43 -9.63
C ASP B 87 -4.73 2.40 -10.98
N TYR B 88 -4.39 3.58 -11.50
CA TYR B 88 -3.75 3.69 -12.79
C TYR B 88 -2.36 4.27 -12.61
N TYR B 89 -1.37 3.63 -13.20
CA TYR B 89 0.02 4.12 -13.14
C TYR B 89 0.54 4.45 -14.53
N CYS B 90 1.18 5.61 -14.68
CA CYS B 90 1.97 5.86 -15.87
C CYS B 90 3.42 5.42 -15.64
N LEU B 91 4.14 5.21 -16.74
CA LEU B 91 5.52 4.74 -16.75
C LEU B 91 6.23 5.47 -17.87
N VAL B 92 7.41 6.00 -17.59
CA VAL B 92 8.20 6.66 -18.63
C VAL B 92 9.62 6.13 -18.49
N GLN B 93 10.42 6.37 -19.51
CA GLN B 93 11.81 5.96 -19.42
C GLN B 93 12.74 7.12 -19.72
N TYR B 94 13.86 7.13 -19.00
CA TYR B 94 14.88 8.15 -19.17
C TYR B 94 16.21 7.45 -19.39
N SER B 95 16.70 7.47 -20.61
CA SER B 95 18.01 6.89 -20.94
C SER B 95 18.14 5.48 -20.39
N GLY B 96 17.04 4.70 -20.36
CA GLY B 96 17.11 3.32 -19.95
C GLY B 96 16.51 3.02 -18.59
N VAL B 97 16.31 4.03 -17.76
CA VAL B 97 15.74 3.82 -16.45
C VAL B 97 14.24 4.09 -16.54
N TRP B 98 13.43 3.10 -16.19
CA TRP B 98 11.97 3.21 -16.20
C TRP B 98 11.51 3.76 -14.86
N VAL B 99 10.62 4.74 -14.90
CA VAL B 99 10.08 5.36 -13.67
C VAL B 99 8.56 5.33 -13.70
N PHE B 100 7.94 4.76 -12.64
CA PHE B 100 6.50 4.83 -12.45
C PHE B 100 6.12 6.14 -11.78
N GLY B 101 4.99 6.66 -12.17
CA GLY B 101 4.35 7.69 -11.37
C GLY B 101 3.77 7.09 -10.10
N GLY B 102 3.32 7.96 -9.19
CA GLY B 102 2.79 7.49 -7.91
C GLY B 102 1.41 6.84 -7.98
N GLY B 103 0.74 6.91 -9.14
CA GLY B 103 -0.54 6.24 -9.35
C GLY B 103 -1.72 7.13 -9.02
N THR B 104 -2.82 6.98 -9.74
CA THR B 104 -4.07 7.66 -9.45
C THR B 104 -5.13 6.64 -9.06
N LYS B 105 -5.79 6.86 -7.94
CA LYS B 105 -6.93 6.05 -7.51
C LYS B 105 -8.16 6.58 -8.20
N LEU B 106 -8.77 5.77 -9.07
CA LEU B 106 -10.01 6.16 -9.77
C LEU B 106 -11.20 5.50 -9.11
N THR B 107 -12.09 6.33 -8.55
CA THR B 107 -13.38 5.87 -8.00
C THR B 107 -14.50 6.08 -9.02
N VAL B 108 -15.32 5.06 -9.27
CA VAL B 108 -16.49 5.25 -10.10
C VAL B 108 -17.67 5.37 -9.15
N LEU B 109 -18.29 6.54 -9.07
CA LEU B 109 -19.09 6.86 -7.91
C LEU B 109 -20.31 5.94 -7.85
N SER B 110 -20.54 5.36 -6.67
CA SER B 110 -21.64 4.41 -6.54
C SER B 110 -22.56 4.73 -5.36
N GLN B 111 -22.29 5.80 -4.61
CA GLN B 111 -23.13 6.24 -3.50
C GLN B 111 -22.71 7.65 -3.11
N PRO B 112 -23.49 8.35 -2.28
CA PRO B 112 -23.11 9.70 -1.84
C PRO B 112 -21.73 9.77 -1.19
N LYS B 113 -21.09 10.92 -1.39
CA LYS B 113 -19.82 11.16 -0.72
C LYS B 113 -20.06 11.36 0.77
N ALA B 114 -19.16 10.81 1.58
CA ALA B 114 -19.35 10.78 3.03
C ALA B 114 -18.05 11.12 3.71
N ALA B 115 -18.12 12.04 4.63
CA ALA B 115 -16.94 12.47 5.36
C ALA B 115 -16.59 11.44 6.44
N PRO B 116 -15.32 11.31 6.78
CA PRO B 116 -14.94 10.34 7.82
C PRO B 116 -15.43 10.73 9.18
N SER B 117 -15.79 9.73 10.00
CA SER B 117 -15.86 9.93 11.44
C SER B 117 -14.54 9.50 12.06
N VAL B 118 -14.06 10.28 13.02
CA VAL B 118 -12.72 10.12 13.56
C VAL B 118 -12.85 9.95 15.07
N THR B 119 -12.15 8.97 15.61
CA THR B 119 -12.05 8.82 17.06
C THR B 119 -10.58 8.64 17.39
N LEU B 120 -10.12 9.40 18.37
CA LEU B 120 -8.72 9.44 18.76
C LEU B 120 -8.64 8.95 20.19
N PHE B 121 -7.77 7.96 20.46
CA PHE B 121 -7.66 7.48 21.85
C PHE B 121 -6.28 7.86 22.35
N PRO B 122 -6.16 8.36 23.58
CA PRO B 122 -4.82 8.64 24.19
C PRO B 122 -4.17 7.35 24.59
N PRO B 123 -2.90 7.37 25.03
CA PRO B 123 -2.32 6.15 25.62
C PRO B 123 -3.10 5.76 26.86
N SER B 124 -3.29 4.46 27.04
CA SER B 124 -4.03 3.99 28.20
C SER B 124 -3.14 4.07 29.43
N SER B 125 -3.78 4.07 30.61
CA SER B 125 -3.01 3.96 31.84
C SER B 125 -2.10 2.75 31.82
N GLU B 126 -2.62 1.60 31.36
CA GLU B 126 -1.84 0.37 31.42
C GLU B 126 -0.59 0.45 30.51
N GLU B 127 -0.71 1.03 29.32
CA GLU B 127 0.45 1.16 28.45
C GLU B 127 1.47 2.13 29.02
N LEU B 128 1.00 3.27 29.52
CA LEU B 128 1.92 4.21 30.14
C LEU B 128 2.70 3.55 31.26
N GLN B 129 2.00 2.77 32.09
CA GLN B 129 2.65 2.06 33.19
C GLN B 129 3.60 0.99 32.70
N ALA B 130 3.42 0.47 31.49
CA ALA B 130 4.40 -0.40 30.88
C ALA B 130 5.54 0.40 30.23
N ASN B 131 5.65 1.69 30.58
CA ASN B 131 6.66 2.60 30.04
C ASN B 131 6.60 2.68 28.50
N LYS B 132 5.37 2.71 27.96
CA LYS B 132 5.15 2.84 26.53
C LYS B 132 3.99 3.81 26.31
N ALA B 133 3.83 4.28 25.06
CA ALA B 133 2.70 5.15 24.75
C ALA B 133 2.35 5.04 23.29
N THR B 134 1.07 4.84 22.97
CA THR B 134 0.56 4.87 21.58
C THR B 134 -0.71 5.69 21.50
N LEU B 135 -0.77 6.64 20.57
CA LEU B 135 -2.03 7.30 20.18
C LEU B 135 -2.61 6.56 18.98
N VAL B 136 -3.94 6.38 18.97
CA VAL B 136 -4.62 5.55 17.99
C VAL B 136 -5.71 6.42 17.37
N CYS B 137 -5.62 6.66 16.08
CA CYS B 137 -6.62 7.46 15.37
C CYS B 137 -7.37 6.53 14.41
N LEU B 138 -8.68 6.33 14.65
CA LEU B 138 -9.49 5.42 13.88
C LEU B 138 -10.46 6.22 13.01
N ILE B 139 -10.52 5.87 11.73
CA ILE B 139 -11.18 6.71 10.74
C ILE B 139 -12.12 5.80 9.97
N SER B 140 -13.42 6.07 10.04
CA SER B 140 -14.31 5.11 9.39
C SER B 140 -15.39 5.86 8.59
N ASP B 141 -16.04 5.07 7.73
CA ASP B 141 -17.23 5.49 6.98
C ASP B 141 -16.98 6.67 6.05
N PHE B 142 -15.85 6.68 5.35
CA PHE B 142 -15.69 7.72 4.35
C PHE B 142 -15.78 7.17 2.94
N TYR B 143 -16.18 8.04 2.02
CA TYR B 143 -16.28 7.64 0.63
C TYR B 143 -16.11 8.88 -0.24
N PRO B 144 -15.28 8.86 -1.31
CA PRO B 144 -14.39 7.79 -1.80
C PRO B 144 -13.28 7.43 -0.82
N GLY B 145 -12.55 6.35 -1.09
CA GLY B 145 -11.61 5.84 -0.09
C GLY B 145 -10.21 6.40 -0.21
N ALA B 146 -10.10 7.72 -0.06
CA ALA B 146 -8.83 8.41 -0.20
C ALA B 146 -8.78 9.41 0.95
N VAL B 147 -7.71 9.38 1.72
CA VAL B 147 -7.64 10.23 2.89
C VAL B 147 -6.18 10.53 3.19
N THR B 148 -5.92 11.71 3.77
CA THR B 148 -4.59 12.05 4.23
C THR B 148 -4.69 12.30 5.73
N VAL B 149 -3.68 11.85 6.48
CA VAL B 149 -3.68 11.93 7.94
C VAL B 149 -2.42 12.65 8.40
N ALA B 150 -2.58 13.69 9.21
CA ALA B 150 -1.47 14.42 9.76
C ALA B 150 -1.62 14.42 11.29
N TRP B 151 -0.50 14.46 11.97
CA TRP B 151 -0.51 14.57 13.43
C TRP B 151 0.17 15.86 13.87
N LYS B 152 -0.33 16.41 14.98
CA LYS B 152 0.31 17.56 15.64
C LYS B 152 0.66 17.18 17.06
N ALA B 153 1.91 17.45 17.44
CA ALA B 153 2.29 17.49 18.85
C ALA B 153 2.16 18.95 19.26
N ASP B 154 1.19 19.24 20.13
CA ASP B 154 0.77 20.62 20.39
C ASP B 154 0.31 21.19 19.05
N SER B 155 0.94 22.24 18.53
CA SER B 155 0.60 22.81 17.24
C SER B 155 1.66 22.51 16.18
N SER B 156 2.62 21.65 16.50
CA SER B 156 3.75 21.41 15.62
C SER B 156 3.63 20.06 14.93
N PRO B 157 3.81 20.00 13.60
CA PRO B 157 3.65 18.74 12.86
C PRO B 157 4.61 17.67 13.35
N VAL B 158 4.09 16.44 13.41
CA VAL B 158 4.81 15.24 13.82
C VAL B 158 5.03 14.36 12.60
N LYS B 159 6.29 13.98 12.38
CA LYS B 159 6.63 13.00 11.36
C LYS B 159 6.96 11.65 11.98
N ALA B 160 7.93 11.64 12.89
CA ALA B 160 8.50 10.40 13.39
C ALA B 160 7.49 9.64 14.24
N GLY B 161 7.52 8.32 14.12
CA GLY B 161 6.64 7.49 14.90
C GLY B 161 5.25 7.30 14.34
N VAL B 162 4.94 7.86 13.15
CA VAL B 162 3.62 7.77 12.53
C VAL B 162 3.59 6.60 11.58
N GLU B 163 2.55 5.78 11.69
CA GLU B 163 2.30 4.74 10.71
C GLU B 163 0.81 4.65 10.44
N THR B 164 0.45 4.64 9.17
CA THR B 164 -0.96 4.69 8.79
C THR B 164 -1.29 3.63 7.76
N THR B 165 -2.51 3.07 7.86
CA THR B 165 -2.94 2.07 6.92
C THR B 165 -3.49 2.75 5.66
N THR B 166 -3.51 2.02 4.63
CA THR B 166 -4.29 2.39 3.46
C THR B 166 -5.76 2.12 3.71
N PRO B 167 -6.65 2.90 3.11
CA PRO B 167 -8.08 2.65 3.31
C PRO B 167 -8.48 1.26 2.83
N SER B 168 -9.30 0.59 3.63
CA SER B 168 -9.86 -0.71 3.29
C SER B 168 -11.38 -0.61 3.28
N LYS B 169 -12.01 -1.40 2.42
CA LYS B 169 -13.45 -1.34 2.25
C LYS B 169 -14.15 -2.03 3.40
N GLN B 170 -15.14 -1.34 3.96
CA GLN B 170 -16.01 -1.91 4.96
C GLN B 170 -17.12 -2.71 4.29
N SER B 171 -17.95 -3.36 5.12
CA SER B 171 -19.14 -4.04 4.62
C SER B 171 -20.02 -3.10 3.81
N ASN B 172 -20.36 -1.95 4.38
CA ASN B 172 -21.25 -0.96 3.78
C ASN B 172 -20.60 -0.22 2.59
N ASN B 173 -19.45 -0.67 2.09
CA ASN B 173 -18.77 -0.12 0.92
C ASN B 173 -18.29 1.30 1.12
N LYS B 174 -18.27 1.79 2.35
CA LYS B 174 -17.44 2.94 2.66
C LYS B 174 -16.09 2.42 3.15
N TYR B 175 -15.23 3.31 3.60
CA TYR B 175 -13.86 2.95 3.82
C TYR B 175 -13.49 3.21 5.27
N ALA B 176 -12.43 2.53 5.71
CA ALA B 176 -11.88 2.71 7.04
C ALA B 176 -10.36 2.73 6.90
N ALA B 177 -9.71 3.35 7.91
CA ALA B 177 -8.26 3.42 7.94
C ALA B 177 -7.90 3.69 9.39
N SER B 178 -6.62 3.52 9.73
CA SER B 178 -6.17 3.89 11.06
C SER B 178 -4.77 4.47 10.98
N SER B 179 -4.44 5.26 12.00
CA SER B 179 -3.11 5.84 12.10
C SER B 179 -2.68 5.75 13.53
N TYR B 180 -1.42 5.35 13.72
CA TYR B 180 -0.82 5.16 15.04
C TYR B 180 0.35 6.11 15.18
N LEU B 181 0.48 6.72 16.34
CA LEU B 181 1.65 7.55 16.65
C LEU B 181 2.27 6.98 17.90
N SER B 182 3.49 6.44 17.78
CA SER B 182 4.21 5.87 18.92
C SER B 182 5.09 6.96 19.50
N LEU B 183 5.11 7.05 20.83
CA LEU B 183 5.99 8.00 21.46
C LEU B 183 6.33 7.51 22.86
N THR B 184 7.25 8.23 23.51
CA THR B 184 7.62 7.86 24.87
C THR B 184 6.65 8.47 25.88
N PRO B 185 6.52 7.87 27.05
CA PRO B 185 5.68 8.51 28.08
C PRO B 185 6.15 9.93 28.39
N GLU B 186 7.47 10.17 28.36
CA GLU B 186 7.99 11.53 28.60
C GLU B 186 7.54 12.52 27.54
N GLN B 187 7.58 12.12 26.26
CA GLN B 187 7.08 12.98 25.19
C GLN B 187 5.59 13.26 25.35
N TRP B 188 4.81 12.22 25.66
CA TRP B 188 3.39 12.41 25.90
C TRP B 188 3.14 13.44 26.99
N LYS B 189 3.86 13.31 28.11
CA LYS B 189 3.66 14.22 29.23
C LYS B 189 4.33 15.57 28.99
N SER B 190 5.21 15.66 27.99
CA SER B 190 5.87 16.92 27.61
C SER B 190 4.91 17.94 27.02
N HIS B 191 3.82 17.48 26.43
CA HIS B 191 2.94 18.32 25.63
C HIS B 191 1.59 18.48 26.32
N ARG B 192 0.89 19.55 25.99
CA ARG B 192 -0.43 19.71 26.58
C ARG B 192 -1.52 19.05 25.76
N SER B 193 -1.28 18.79 24.48
CA SER B 193 -2.24 17.99 23.72
C SER B 193 -1.55 17.40 22.50
N TYR B 194 -2.18 16.38 21.94
CA TYR B 194 -1.87 15.86 20.61
C TYR B 194 -3.13 15.87 19.77
N SER B 195 -2.98 16.07 18.45
CA SER B 195 -4.12 16.00 17.53
C SER B 195 -3.87 15.06 16.36
N CYS B 196 -4.95 14.48 15.87
CA CYS B 196 -4.99 13.74 14.61
C CYS B 196 -5.80 14.57 13.63
N GLN B 197 -5.23 14.87 12.45
CA GLN B 197 -5.91 15.65 11.40
C GLN B 197 -6.12 14.77 10.17
N VAL B 198 -7.38 14.65 9.75
CA VAL B 198 -7.79 13.78 8.66
C VAL B 198 -8.41 14.62 7.55
N THR B 199 -7.85 14.54 6.36
CA THR B 199 -8.28 15.40 5.27
C THR B 199 -8.94 14.49 4.24
N HIS B 200 -10.17 14.84 3.89
CA HIS B 200 -10.96 14.04 2.97
C HIS B 200 -11.64 15.01 2.03
N GLU B 201 -11.41 14.84 0.74
CA GLU B 201 -12.01 15.72 -0.27
C GLU B 201 -11.80 17.20 0.11
N GLY B 202 -10.56 17.54 0.45
CA GLY B 202 -10.21 18.91 0.74
C GLY B 202 -10.69 19.44 2.08
N SER B 203 -11.44 18.65 2.85
CA SER B 203 -11.92 19.07 4.16
C SER B 203 -11.18 18.30 5.23
N THR B 204 -10.88 18.96 6.35
CA THR B 204 -10.08 18.38 7.41
C THR B 204 -10.91 18.25 8.68
N VAL B 205 -10.90 17.06 9.24
CA VAL B 205 -11.51 16.79 10.54
C VAL B 205 -10.39 16.64 11.55
N GLU B 206 -10.56 17.23 12.74
CA GLU B 206 -9.53 17.17 13.77
C GLU B 206 -10.09 16.61 15.08
N LYS B 207 -9.31 15.74 15.72
CA LYS B 207 -9.56 15.28 17.08
C LYS B 207 -8.30 15.51 17.92
N THR B 208 -8.50 15.74 19.22
CA THR B 208 -7.45 16.19 20.13
C THR B 208 -7.58 15.45 21.45
N VAL B 209 -6.46 15.03 22.02
CA VAL B 209 -6.49 14.39 23.34
C VAL B 209 -5.35 14.99 24.16
N ALA B 210 -5.46 14.84 25.48
CA ALA B 210 -4.48 15.48 26.36
C ALA B 210 -4.14 14.53 27.51
N PRO B 211 -2.92 14.62 28.06
CA PRO B 211 -2.59 13.88 29.27
C PRO B 211 -3.48 14.40 30.36
#